data_5FAN
#
_entry.id   5FAN
#
_cell.length_a   47.400
_cell.length_b   63.624
_cell.length_c   155.051
_cell.angle_alpha   90.00
_cell.angle_beta   90.00
_cell.angle_gamma   90.00
#
_symmetry.space_group_name_H-M   'P 21 21 21'
#
loop_
_entity.id
_entity.type
_entity.pdbx_description
1 polymer 'Hydroxycinnamoyl-CoA shikimate/quinate hydroxycinnamoyltransferase 2'
2 non-polymer p-coumaroyl-CoA
3 non-polymer '3,4-DIHYDROXYBENZOIC ACID'
4 water water
#
_entity_poly.entity_id   1
_entity_poly.type   'polypeptide(L)'
_entity_poly.pdbx_seq_one_letter_code
;GHMKITVRGSEMVYPAAETPRRRLWNSGPDLVVPRFHTPSVYFFRRRDGEGNDLAAADGSFFDGARMRRALAEALVPFYP
MAGRLARDEDGRVEIDCNAGGVLFQEADAPDATVDDFGDFAPTMELKRLIPTVEYTDDISAFPLLVVQVTHFKCGGVAIG
VGMQHHVADGFSGLHFINSWADLCRGVPFAVMPYIDRSLLRARDPPTPVYPHVEYQPAPAMLSEPPQAPLMAKPATPPAA
VAIFRLSRADLGRLRSQIPAREGVPRLSTYAVLAAHVWRCASLARGLPADQPTKLYCATDGRQRLQPPLPEGYFGNVIFT
ATPLADAGTVTAGVAEGAAVIQAALDRMDEGYCRSALDYLELQPDLSALVRGAHTFRCPNLGLTSWVRLPIHDADFGWGR
PVFMGPGGIAYEGLAFVLPSANRDGSLSVAISLQAEHMEKFRKFIYDF
;
_entity_poly.pdbx_strand_id   A
#
loop_
_chem_comp.id
_chem_comp.type
_chem_comp.name
_chem_comp.formula
DHB non-polymer '3,4-DIHYDROXYBENZOIC ACID' 'C7 H6 O4'
WCA non-polymer p-coumaroyl-CoA 'C30 H42 N7 O18 P3 S'
#
# COMPACT_ATOMS: atom_id res chain seq x y z
N GLY A 1 -0.16 11.04 22.62
CA GLY A 1 -1.27 11.90 23.09
C GLY A 1 -2.50 11.71 22.24
N HIS A 2 -3.61 12.30 22.65
CA HIS A 2 -4.87 12.20 21.90
C HIS A 2 -5.31 13.59 21.43
N MET A 3 -5.11 13.80 20.14
CA MET A 3 -5.35 15.06 19.45
C MET A 3 -6.83 15.40 19.29
N LYS A 4 -7.18 16.64 19.52
CA LYS A 4 -8.53 17.10 19.29
C LYS A 4 -8.76 17.18 17.78
N ILE A 5 -9.70 16.40 17.24
CA ILE A 5 -10.00 16.44 15.82
C ILE A 5 -11.48 16.42 15.54
N THR A 6 -12.01 17.56 15.12
CA THR A 6 -13.43 17.78 14.97
C THR A 6 -13.87 17.70 13.51
N VAL A 7 -14.71 16.73 13.17
CA VAL A 7 -15.23 16.60 11.80
C VAL A 7 -16.37 17.57 11.54
N ARG A 8 -16.16 18.48 10.59
CA ARG A 8 -17.05 19.65 10.41
C ARG A 8 -18.10 19.43 9.33
N GLY A 9 -18.04 18.27 8.67
CA GLY A 9 -19.03 17.93 7.66
C GLY A 9 -18.65 16.71 6.86
N SER A 10 -19.59 15.77 6.71
CA SER A 10 -19.43 14.59 5.85
C SER A 10 -20.46 14.60 4.73
N GLU A 11 -20.04 14.12 3.56
CA GLU A 11 -20.84 14.21 2.35
C GLU A 11 -20.49 13.05 1.42
N MET A 12 -21.51 12.42 0.83
CA MET A 12 -21.28 11.42 -0.20
C MET A 12 -21.12 12.16 -1.52
N VAL A 13 -20.11 11.79 -2.28
CA VAL A 13 -19.81 12.44 -3.54
C VAL A 13 -20.00 11.45 -4.70
N TYR A 14 -20.77 11.88 -5.70
CA TYR A 14 -21.18 11.02 -6.79
C TYR A 14 -20.53 11.45 -8.11
N PRO A 15 -20.44 10.52 -9.06
CA PRO A 15 -19.96 10.90 -10.40
C PRO A 15 -20.81 12.02 -10.97
N ALA A 16 -20.16 12.95 -11.66
CA ALA A 16 -20.83 14.15 -12.14
C ALA A 16 -21.44 13.98 -13.53
N ALA A 17 -21.51 12.74 -13.98
CA ALA A 17 -22.09 12.44 -15.28
C ALA A 17 -22.49 10.97 -15.34
N GLU A 18 -23.14 10.61 -16.42
CA GLU A 18 -23.50 9.21 -16.71
C GLU A 18 -22.30 8.28 -16.53
N THR A 19 -22.51 7.20 -15.80
CA THR A 19 -21.53 6.13 -15.70
C THR A 19 -22.25 4.81 -15.94
N PRO A 20 -21.51 3.77 -16.35
CA PRO A 20 -22.16 2.49 -16.62
C PRO A 20 -22.68 1.83 -15.36
N ARG A 21 -23.90 1.31 -15.40
CA ARG A 21 -24.44 0.46 -14.35
C ARG A 21 -24.19 -0.99 -14.69
N ARG A 22 -23.33 -1.64 -13.93
CA ARG A 22 -22.93 -3.00 -14.29
C ARG A 22 -22.33 -3.72 -13.11
N ARG A 23 -22.19 -5.04 -13.23
CA ARG A 23 -21.34 -5.80 -12.32
C ARG A 23 -19.98 -5.88 -12.95
N LEU A 24 -18.94 -5.68 -12.16
CA LEU A 24 -17.57 -5.68 -12.66
C LEU A 24 -16.82 -6.86 -12.04
N TRP A 25 -16.49 -7.83 -12.87
CA TRP A 25 -15.80 -9.05 -12.45
C TRP A 25 -14.43 -8.70 -11.92
N ASN A 26 -14.06 -9.36 -10.83
CA ASN A 26 -12.75 -9.23 -10.23
C ASN A 26 -11.85 -10.40 -10.55
N SER A 27 -10.59 -10.11 -10.82
CA SER A 27 -9.65 -11.17 -11.15
C SER A 27 -9.12 -11.84 -9.88
N GLY A 28 -8.42 -12.95 -10.07
CA GLY A 28 -7.83 -13.65 -8.94
C GLY A 28 -6.97 -12.71 -8.09
N PRO A 29 -6.13 -11.88 -8.72
CA PRO A 29 -5.32 -10.99 -7.86
C PRO A 29 -6.17 -9.96 -7.10
N ASP A 30 -7.27 -9.47 -7.67
CA ASP A 30 -8.19 -8.60 -6.93
C ASP A 30 -8.75 -9.23 -5.65
N LEU A 31 -8.79 -10.55 -5.60
CA LEU A 31 -9.52 -11.23 -4.53
C LEU A 31 -8.67 -11.74 -3.39
N VAL A 32 -7.36 -11.58 -3.51
CA VAL A 32 -6.42 -12.19 -2.57
C VAL A 32 -5.57 -11.12 -1.84
N VAL A 33 -5.65 -9.89 -2.33
CA VAL A 33 -5.14 -8.74 -1.56
C VAL A 33 -5.87 -8.60 -0.19
N PRO A 34 -5.23 -7.92 0.78
CA PRO A 34 -5.85 -7.83 2.11
C PRO A 34 -7.26 -7.24 2.06
N ARG A 35 -8.11 -7.64 3.00
CA ARG A 35 -9.47 -7.12 3.07
C ARG A 35 -9.49 -5.95 4.03
N PHE A 36 -8.87 -4.87 3.61
CA PHE A 36 -9.07 -3.62 4.31
C PHE A 36 -9.18 -2.49 3.31
N HIS A 37 -9.58 -1.33 3.82
CA HIS A 37 -9.43 -0.09 3.12
C HIS A 37 -7.99 0.34 3.31
N THR A 38 -7.20 0.19 2.26
CA THR A 38 -5.80 0.48 2.32
C THR A 38 -5.64 1.92 2.78
N PRO A 39 -4.97 2.11 3.92
CA PRO A 39 -4.84 3.45 4.48
C PRO A 39 -3.58 4.17 4.01
N SER A 40 -3.75 5.40 3.54
CA SER A 40 -2.66 6.29 3.29
C SER A 40 -3.00 7.68 3.82
N VAL A 41 -1.95 8.39 4.23
CA VAL A 41 -2.05 9.79 4.65
C VAL A 41 -0.98 10.69 4.01
N TYR A 42 -1.45 11.84 3.54
CA TYR A 42 -0.69 12.90 2.92
C TYR A 42 -0.63 14.07 3.86
N PHE A 43 0.54 14.70 3.99
CA PHE A 43 0.64 15.98 4.70
C PHE A 43 1.14 17.06 3.78
N PHE A 44 0.54 18.22 3.92
CA PHE A 44 0.87 19.41 3.14
C PHE A 44 1.14 20.55 4.09
N ARG A 45 2.22 21.28 3.86
CA ARG A 45 2.55 22.37 4.75
C ARG A 45 2.00 23.67 4.18
N ARG A 46 1.65 24.60 5.07
CA ARG A 46 1.05 25.83 4.62
C ARG A 46 2.10 26.80 4.09
N ARG A 47 3.32 26.68 4.62
CA ARG A 47 4.41 27.53 4.16
C ARG A 47 5.51 26.67 3.55
N ASP A 48 6.12 27.18 2.49
CA ASP A 48 7.12 26.46 1.74
C ASP A 48 8.46 26.52 2.46
N GLY A 49 9.52 26.14 1.74
CA GLY A 49 10.87 26.19 2.28
C GLY A 49 11.21 27.52 2.90
N GLU A 50 11.05 28.61 2.15
CA GLU A 50 11.53 29.93 2.57
C GLU A 50 10.48 30.75 3.36
N GLY A 51 9.32 30.16 3.63
CA GLY A 51 8.34 30.80 4.49
C GLY A 51 7.15 31.45 3.78
N ASN A 52 7.06 31.25 2.48
CA ASN A 52 5.94 31.80 1.69
C ASN A 52 4.66 30.99 1.88
N ASP A 53 3.55 31.69 2.08
CA ASP A 53 2.25 31.06 2.20
C ASP A 53 1.94 30.32 0.89
N LEU A 54 1.53 29.06 0.97
CA LEU A 54 1.27 28.27 -0.22
C LEU A 54 -0.20 28.33 -0.65
N ALA A 55 -0.97 29.21 -0.02
CA ALA A 55 -2.32 29.46 -0.47
C ALA A 55 -2.25 29.93 -1.92
N ALA A 56 -3.33 29.72 -2.68
CA ALA A 56 -3.36 30.12 -4.07
C ALA A 56 -3.59 31.62 -4.14
N ALA A 57 -3.60 32.17 -5.35
CA ALA A 57 -3.78 33.62 -5.53
C ALA A 57 -5.17 34.09 -5.11
N ASP A 58 -6.15 33.19 -5.14
CA ASP A 58 -7.53 33.51 -4.70
C ASP A 58 -7.74 33.28 -3.20
N GLY A 59 -6.68 32.92 -2.50
CA GLY A 59 -6.75 32.74 -1.06
C GLY A 59 -7.10 31.32 -0.63
N SER A 60 -7.42 30.46 -1.59
CA SER A 60 -7.79 29.08 -1.27
C SER A 60 -6.60 28.24 -0.77
N PHE A 61 -6.89 27.29 0.11
CA PHE A 61 -5.92 26.28 0.50
C PHE A 61 -6.69 25.02 0.91
N PHE A 62 -6.73 24.06 -0.01
CA PHE A 62 -7.55 22.87 0.14
C PHE A 62 -9.01 23.22 0.46
N ASP A 63 -9.57 24.02 -0.45
CA ASP A 63 -10.98 24.37 -0.46
C ASP A 63 -11.84 23.15 -0.74
N GLY A 64 -12.75 22.84 0.18
CA GLY A 64 -13.55 21.62 0.08
C GLY A 64 -14.45 21.50 -1.14
N ALA A 65 -15.18 22.57 -1.47
CA ALA A 65 -16.08 22.54 -2.61
C ALA A 65 -15.32 22.19 -3.89
N ARG A 66 -14.18 22.82 -4.05
CA ARG A 66 -13.34 22.61 -5.20
C ARG A 66 -12.84 21.17 -5.26
N MET A 67 -12.42 20.64 -4.13
CA MET A 67 -11.93 19.28 -4.14
C MET A 67 -13.03 18.28 -4.45
N ARG A 68 -14.23 18.54 -3.96
CA ARG A 68 -15.37 17.66 -4.18
C ARG A 68 -15.85 17.72 -5.63
N ARG A 69 -15.84 18.90 -6.23
CA ARG A 69 -16.19 19.01 -7.64
C ARG A 69 -15.21 18.21 -8.49
N ALA A 70 -13.93 18.32 -8.17
CA ALA A 70 -12.92 17.59 -8.94
C ALA A 70 -13.05 16.09 -8.71
N LEU A 71 -13.44 15.72 -7.50
CA LEU A 71 -13.61 14.32 -7.14
C LEU A 71 -14.74 13.70 -7.99
N ALA A 72 -15.87 14.39 -8.00
CA ALA A 72 -17.02 14.00 -8.81
C ALA A 72 -16.67 13.81 -10.30
N GLU A 73 -15.80 14.66 -10.83
CA GLU A 73 -15.36 14.56 -12.23
C GLU A 73 -14.50 13.32 -12.41
N ALA A 74 -13.67 13.07 -11.40
CA ALA A 74 -12.72 11.95 -11.46
C ALA A 74 -13.46 10.62 -11.43
N LEU A 75 -14.60 10.61 -10.75
CA LEU A 75 -15.35 9.38 -10.55
C LEU A 75 -16.13 9.01 -11.80
N VAL A 76 -16.07 9.83 -12.85
CA VAL A 76 -16.78 9.47 -14.07
C VAL A 76 -15.97 8.43 -14.83
N PRO A 77 -14.72 8.74 -15.22
CA PRO A 77 -13.89 7.68 -15.83
C PRO A 77 -13.51 6.56 -14.84
N PHE A 78 -13.27 6.89 -13.57
CA PHE A 78 -12.92 5.88 -12.59
C PHE A 78 -14.17 5.40 -11.83
N TYR A 79 -15.23 5.09 -12.57
CA TYR A 79 -16.53 4.88 -11.91
C TYR A 79 -16.63 3.68 -10.94
N PRO A 80 -15.80 2.64 -11.13
CA PRO A 80 -15.90 1.57 -10.15
C PRO A 80 -15.55 2.03 -8.75
N MET A 81 -14.82 3.13 -8.65
CA MET A 81 -14.45 3.66 -7.34
C MET A 81 -15.70 4.12 -6.57
N ALA A 82 -16.75 4.48 -7.31
CA ALA A 82 -17.98 4.98 -6.70
C ALA A 82 -18.96 3.83 -6.48
N GLY A 83 -18.51 2.62 -6.78
CA GLY A 83 -19.30 1.40 -6.61
C GLY A 83 -19.43 0.84 -5.20
N ARG A 84 -19.89 -0.40 -5.14
CA ARG A 84 -20.00 -1.15 -3.89
C ARG A 84 -19.59 -2.61 -4.16
N LEU A 85 -19.13 -3.30 -3.13
CA LEU A 85 -18.86 -4.74 -3.26
C LEU A 85 -20.16 -5.47 -3.37
N ALA A 86 -20.14 -6.63 -4.02
CA ALA A 86 -21.28 -7.52 -4.10
C ALA A 86 -20.72 -8.89 -4.41
N ARG A 87 -21.61 -9.87 -4.58
CA ARG A 87 -21.19 -11.20 -4.98
C ARG A 87 -21.95 -11.65 -6.21
N ASP A 88 -21.31 -12.42 -7.09
CA ASP A 88 -22.00 -12.97 -8.25
C ASP A 88 -22.76 -14.23 -7.83
N GLU A 89 -23.47 -14.85 -8.76
CA GLU A 89 -24.29 -16.04 -8.46
C GLU A 89 -23.49 -17.11 -7.70
N ASP A 90 -22.18 -17.15 -7.91
CA ASP A 90 -21.38 -18.24 -7.39
C ASP A 90 -20.81 -17.91 -6.04
N GLY A 91 -21.03 -16.67 -5.61
CA GLY A 91 -20.50 -16.18 -4.35
C GLY A 91 -19.15 -15.51 -4.47
N ARG A 92 -18.74 -15.22 -5.71
CA ARG A 92 -17.45 -14.59 -5.93
C ARG A 92 -17.67 -13.09 -5.81
N VAL A 93 -16.83 -12.45 -5.00
CA VAL A 93 -16.92 -11.02 -4.81
C VAL A 93 -16.62 -10.31 -6.13
N GLU A 94 -17.46 -9.31 -6.42
CA GLU A 94 -17.30 -8.42 -7.57
C GLU A 94 -17.62 -6.98 -7.15
N ILE A 95 -17.43 -6.04 -8.06
CA ILE A 95 -17.81 -4.65 -7.79
CA ILE A 95 -17.81 -4.67 -7.79
C ILE A 95 -19.12 -4.32 -8.47
N ASP A 96 -20.09 -3.89 -7.67
CA ASP A 96 -21.36 -3.37 -8.18
C ASP A 96 -21.19 -1.90 -8.52
N CYS A 97 -21.01 -1.60 -9.80
CA CYS A 97 -20.86 -0.22 -10.25
C CYS A 97 -22.23 0.38 -10.34
N ASN A 98 -22.60 0.97 -9.23
CA ASN A 98 -23.94 1.49 -9.01
C ASN A 98 -23.92 2.97 -8.63
N ALA A 99 -22.74 3.61 -8.72
CA ALA A 99 -22.60 5.03 -8.50
C ALA A 99 -23.16 5.43 -7.12
N GLY A 100 -22.86 4.60 -6.12
CA GLY A 100 -23.30 4.84 -4.76
C GLY A 100 -22.48 5.92 -4.07
N GLY A 101 -21.34 6.24 -4.65
CA GLY A 101 -20.57 7.42 -4.28
C GLY A 101 -19.48 7.11 -3.29
N VAL A 102 -18.65 8.11 -3.02
CA VAL A 102 -17.54 8.01 -2.07
C VAL A 102 -17.75 9.00 -0.91
N LEU A 103 -17.21 8.67 0.26
CA LEU A 103 -17.34 9.55 1.41
C LEU A 103 -16.21 10.57 1.41
N PHE A 104 -16.60 11.84 1.51
CA PHE A 104 -15.64 12.94 1.62
C PHE A 104 -16.01 13.77 2.87
N GLN A 105 -15.07 13.99 3.77
CA GLN A 105 -15.36 14.83 4.92
C GLN A 105 -14.18 15.73 5.28
N GLU A 106 -14.50 16.80 5.98
CA GLU A 106 -13.50 17.79 6.38
C GLU A 106 -13.48 17.79 7.88
N ALA A 107 -12.29 18.08 8.40
CA ALA A 107 -12.10 18.14 9.82
C ALA A 107 -11.15 19.27 10.22
N ASP A 108 -11.21 19.65 11.48
CA ASP A 108 -10.30 20.63 12.05
C ASP A 108 -9.65 20.09 13.30
N ALA A 109 -8.34 20.31 13.37
CA ALA A 109 -7.56 20.10 14.58
C ALA A 109 -7.01 21.45 15.05
N PRO A 110 -7.76 22.16 15.91
CA PRO A 110 -7.45 23.56 16.22
C PRO A 110 -6.26 23.75 17.16
N ASP A 111 -5.74 22.67 17.73
CA ASP A 111 -4.68 22.78 18.73
C ASP A 111 -3.41 22.06 18.32
N ALA A 112 -3.48 21.31 17.21
CA ALA A 112 -2.33 20.52 16.74
C ALA A 112 -1.74 21.08 15.46
N THR A 113 -0.47 20.80 15.23
CA THR A 113 0.22 21.26 14.04
C THR A 113 0.77 20.05 13.30
N VAL A 114 1.10 20.23 12.03
CA VAL A 114 1.70 19.15 11.25
C VAL A 114 2.97 18.65 11.98
N ASP A 115 3.77 19.58 12.50
CA ASP A 115 5.01 19.23 13.23
C ASP A 115 4.78 18.30 14.42
N ASP A 116 3.62 18.36 15.05
CA ASP A 116 3.30 17.48 16.18
C ASP A 116 3.31 16.00 15.81
N PHE A 117 3.17 15.69 14.54
CA PHE A 117 3.13 14.29 14.15
C PHE A 117 4.54 13.72 14.01
N GLY A 118 5.54 14.59 14.13
CA GLY A 118 6.94 14.20 14.12
C GLY A 118 7.38 13.48 12.87
N ASP A 119 7.82 12.23 13.04
CA ASP A 119 8.26 11.36 11.94
C ASP A 119 7.12 10.69 11.17
N PHE A 120 5.88 10.97 11.56
CA PHE A 120 4.72 10.47 10.82
C PHE A 120 4.64 8.94 10.89
N ALA A 121 5.13 8.35 11.98
CA ALA A 121 4.97 6.90 12.18
C ALA A 121 3.51 6.53 12.06
N PRO A 122 3.19 5.36 11.47
CA PRO A 122 1.77 5.02 11.25
C PRO A 122 1.06 4.46 12.47
N THR A 123 0.92 5.30 13.47
CA THR A 123 0.28 4.92 14.71
C THR A 123 -1.22 4.97 14.58
N MET A 124 -1.91 4.42 15.57
CA MET A 124 -3.37 4.48 15.58
C MET A 124 -3.86 5.93 15.69
N GLU A 125 -3.01 6.83 16.18
CA GLU A 125 -3.35 8.26 16.22
C GLU A 125 -3.30 8.85 14.79
N LEU A 126 -2.31 8.46 14.00
CA LEU A 126 -2.30 8.82 12.59
C LEU A 126 -3.52 8.28 11.84
N LYS A 127 -3.94 7.08 12.19
CA LYS A 127 -5.10 6.49 11.53
C LYS A 127 -6.38 7.31 11.73
N ARG A 128 -6.43 8.09 12.80
CA ARG A 128 -7.58 8.97 13.05
C ARG A 128 -7.82 10.00 11.90
N LEU A 129 -6.81 10.21 11.07
CA LEU A 129 -6.92 11.15 9.96
C LEU A 129 -7.64 10.55 8.73
N ILE A 130 -7.97 9.26 8.82
CA ILE A 130 -8.76 8.57 7.78
C ILE A 130 -10.13 8.25 8.37
N PRO A 131 -11.21 8.45 7.60
CA PRO A 131 -12.51 8.09 8.17
C PRO A 131 -12.56 6.62 8.50
N THR A 132 -13.32 6.30 9.54
CA THR A 132 -13.44 4.95 10.03
C THR A 132 -14.58 4.26 9.31
N VAL A 133 -14.36 3.02 8.88
CA VAL A 133 -15.41 2.25 8.24
C VAL A 133 -15.94 1.15 9.17
N GLU A 134 -17.26 1.11 9.34
CA GLU A 134 -17.91 0.05 10.13
C GLU A 134 -18.23 -1.16 9.26
N TYR A 135 -17.50 -2.25 9.48
CA TYR A 135 -17.72 -3.47 8.69
C TYR A 135 -18.76 -4.35 9.35
N THR A 136 -19.84 -4.59 8.62
CA THR A 136 -20.88 -5.53 9.04
C THR A 136 -20.78 -6.77 8.16
N ASP A 137 -21.85 -7.55 8.14
CA ASP A 137 -21.92 -8.73 7.28
C ASP A 137 -22.34 -8.35 5.86
N ASP A 138 -23.02 -7.21 5.71
CA ASP A 138 -23.38 -6.71 4.39
C ASP A 138 -22.18 -6.02 3.75
N ILE A 139 -21.54 -6.69 2.80
CA ILE A 139 -20.33 -6.13 2.20
C ILE A 139 -20.65 -4.96 1.26
N SER A 140 -21.92 -4.80 0.92
CA SER A 140 -22.31 -3.71 0.01
C SER A 140 -22.58 -2.41 0.76
N ALA A 141 -22.49 -2.44 2.08
CA ALA A 141 -23.02 -1.35 2.91
C ALA A 141 -22.11 -0.11 2.97
N PHE A 142 -20.82 -0.29 2.75
CA PHE A 142 -19.87 0.82 2.93
C PHE A 142 -19.26 1.31 1.61
N PRO A 143 -18.87 2.59 1.56
CA PRO A 143 -18.18 3.08 0.37
C PRO A 143 -16.85 2.38 0.18
N LEU A 144 -16.41 2.31 -1.06
CA LEU A 144 -15.10 1.76 -1.38
C LEU A 144 -13.99 2.76 -1.15
N LEU A 145 -14.36 4.03 -1.13
CA LEU A 145 -13.38 5.09 -0.91
C LEU A 145 -13.91 6.09 0.13
N VAL A 146 -13.06 6.34 1.13
CA VAL A 146 -13.33 7.34 2.15
C VAL A 146 -12.14 8.30 2.20
N VAL A 147 -12.45 9.57 2.37
CA VAL A 147 -11.44 10.62 2.43
C VAL A 147 -11.76 11.59 3.52
N GLN A 148 -10.74 12.01 4.27
CA GLN A 148 -10.86 13.12 5.19
C GLN A 148 -9.79 14.14 4.92
N VAL A 149 -10.20 15.41 4.88
CA VAL A 149 -9.27 16.53 4.77
C VAL A 149 -9.27 17.27 6.09
N THR A 150 -8.14 17.20 6.79
CA THR A 150 -8.02 17.78 8.13
C THR A 150 -7.12 19.01 8.11
N HIS A 151 -7.61 20.09 8.69
CA HIS A 151 -6.85 21.34 8.78
C HIS A 151 -6.26 21.53 10.17
N PHE A 152 -5.01 21.99 10.22
CA PHE A 152 -4.27 22.13 11.47
C PHE A 152 -4.00 23.58 11.87
N LYS A 153 -3.51 23.74 13.09
CA LYS A 153 -3.35 25.05 13.68
C LYS A 153 -2.34 25.86 12.89
N CYS A 154 -1.34 25.17 12.36
CA CYS A 154 -0.26 25.78 11.58
C CYS A 154 -0.68 26.22 10.17
N GLY A 155 -1.90 25.86 9.77
CA GLY A 155 -2.41 26.12 8.43
C GLY A 155 -2.26 24.92 7.50
N GLY A 156 -1.48 23.95 7.94
CA GLY A 156 -1.24 22.75 7.16
C GLY A 156 -2.48 21.87 7.05
N VAL A 157 -2.37 20.86 6.19
CA VAL A 157 -3.47 19.95 5.92
C VAL A 157 -2.98 18.51 5.81
N ALA A 158 -3.82 17.60 6.30
CA ALA A 158 -3.65 16.20 6.02
C ALA A 158 -4.83 15.72 5.17
N ILE A 159 -4.53 14.83 4.21
CA ILE A 159 -5.55 14.10 3.47
C ILE A 159 -5.38 12.65 3.80
N GLY A 160 -6.40 12.05 4.39
CA GLY A 160 -6.35 10.66 4.76
C GLY A 160 -7.26 9.90 3.82
N VAL A 161 -6.70 8.86 3.21
CA VAL A 161 -7.38 8.04 2.22
C VAL A 161 -7.53 6.63 2.70
N GLY A 162 -8.70 6.05 2.47
CA GLY A 162 -8.92 4.65 2.70
C GLY A 162 -9.59 4.05 1.50
N MET A 163 -8.88 3.11 0.84
CA MET A 163 -9.35 2.57 -0.42
C MET A 163 -9.47 1.05 -0.41
N GLN A 164 -10.71 0.58 -0.44
CA GLN A 164 -11.00 -0.85 -0.36
C GLN A 164 -10.17 -1.59 -1.40
N HIS A 165 -9.43 -2.61 -0.97
CA HIS A 165 -8.36 -3.14 -1.82
C HIS A 165 -8.84 -3.86 -3.08
N HIS A 166 -10.08 -4.39 -3.10
CA HIS A 166 -10.60 -5.04 -4.33
C HIS A 166 -10.58 -4.09 -5.55
N VAL A 167 -10.76 -2.80 -5.31
CA VAL A 167 -10.89 -1.86 -6.42
C VAL A 167 -9.57 -1.57 -7.09
N ALA A 168 -8.49 -1.46 -6.31
CA ALA A 168 -7.24 -1.00 -6.89
C ALA A 168 -6.03 -1.32 -6.02
N ASP A 169 -4.89 -1.54 -6.67
CA ASP A 169 -3.63 -1.69 -5.95
C ASP A 169 -2.96 -0.32 -5.87
N GLY A 170 -1.67 -0.28 -5.57
CA GLY A 170 -0.98 0.98 -5.41
C GLY A 170 -1.00 1.83 -6.66
N PHE A 171 -0.52 1.27 -7.75
CA PHE A 171 -0.42 2.04 -8.99
C PHE A 171 -1.79 2.54 -9.42
N SER A 172 -2.80 1.69 -9.36
CA SER A 172 -4.13 2.09 -9.82
C SER A 172 -4.83 3.04 -8.85
N GLY A 173 -4.62 2.80 -7.57
CA GLY A 173 -5.14 3.70 -6.53
C GLY A 173 -4.59 5.12 -6.60
N LEU A 174 -3.28 5.22 -6.80
CA LEU A 174 -2.62 6.50 -6.93
C LEU A 174 -2.90 7.13 -8.29
N HIS A 175 -3.08 6.29 -9.30
CA HIS A 175 -3.57 6.81 -10.59
C HIS A 175 -4.88 7.58 -10.38
N PHE A 176 -5.79 7.04 -9.58
CA PHE A 176 -7.02 7.77 -9.25
C PHE A 176 -6.76 9.04 -8.45
N ILE A 177 -6.02 8.94 -7.37
CA ILE A 177 -5.79 10.09 -6.48
C ILE A 177 -5.06 11.21 -7.22
N ASN A 178 -3.99 10.86 -7.93
CA ASN A 178 -3.26 11.86 -8.71
C ASN A 178 -4.08 12.47 -9.85
N SER A 179 -4.97 11.68 -10.45
CA SER A 179 -5.86 12.23 -11.48
C SER A 179 -6.84 13.22 -10.87
N TRP A 180 -7.35 12.87 -9.69
CA TRP A 180 -8.23 13.77 -8.92
C TRP A 180 -7.47 15.05 -8.64
N ALA A 181 -6.25 14.91 -8.13
CA ALA A 181 -5.39 16.07 -7.87
C ALA A 181 -5.20 16.94 -9.10
N ASP A 182 -4.85 16.30 -10.23
CA ASP A 182 -4.72 17.02 -11.51
C ASP A 182 -5.97 17.82 -11.87
N LEU A 183 -7.14 17.17 -11.82
CA LEU A 183 -8.37 17.90 -12.08
C LEU A 183 -8.55 19.07 -11.14
N CYS A 184 -8.20 18.88 -9.87
CA CYS A 184 -8.42 19.93 -8.86
C CYS A 184 -7.48 21.07 -9.18
N ARG A 185 -6.29 20.70 -9.66
CA ARG A 185 -5.27 21.70 -9.96
C ARG A 185 -5.65 22.44 -11.24
N GLY A 186 -6.55 21.85 -12.03
CA GLY A 186 -7.04 22.49 -13.24
C GLY A 186 -6.31 22.04 -14.49
N VAL A 187 -5.89 20.79 -14.50
CA VAL A 187 -5.27 20.21 -15.68
C VAL A 187 -5.90 18.85 -16.00
N PRO A 188 -6.06 18.52 -17.29
CA PRO A 188 -6.58 17.20 -17.63
C PRO A 188 -5.54 16.14 -17.31
N PHE A 189 -5.95 15.01 -16.74
CA PHE A 189 -4.97 13.99 -16.39
C PHE A 189 -4.62 13.23 -17.67
N ALA A 190 -3.44 12.64 -17.67
CA ALA A 190 -2.82 12.18 -18.91
C ALA A 190 -3.37 10.86 -19.39
N VAL A 191 -3.80 10.01 -18.45
CA VAL A 191 -4.10 8.62 -18.76
C VAL A 191 -5.51 8.21 -18.31
N MET A 192 -6.36 7.91 -19.27
CA MET A 192 -7.70 7.43 -18.98
C MET A 192 -7.64 5.98 -18.49
N PRO A 193 -8.41 5.66 -17.45
CA PRO A 193 -8.33 4.28 -16.94
C PRO A 193 -8.98 3.27 -17.89
N TYR A 194 -8.48 2.04 -17.85
CA TYR A 194 -9.03 0.91 -18.59
C TYR A 194 -9.71 0.06 -17.55
N ILE A 195 -11.02 -0.14 -17.68
CA ILE A 195 -11.82 -0.63 -16.58
C ILE A 195 -12.05 -2.14 -16.58
N ASP A 196 -12.18 -2.73 -17.74
CA ASP A 196 -12.49 -4.16 -17.79
C ASP A 196 -11.29 -5.03 -17.37
N ARG A 197 -11.55 -5.96 -16.46
CA ARG A 197 -10.49 -6.72 -15.82
C ARG A 197 -10.35 -8.13 -16.42
N SER A 198 -11.12 -8.42 -17.46
CA SER A 198 -11.07 -9.75 -18.08
C SER A 198 -9.70 -10.03 -18.71
N LEU A 199 -8.82 -9.02 -18.81
CA LEU A 199 -7.49 -9.25 -19.34
C LEU A 199 -6.67 -10.14 -18.41
N LEU A 200 -7.09 -10.19 -17.15
CA LEU A 200 -6.41 -11.01 -16.15
C LEU A 200 -7.15 -12.32 -15.88
N ARG A 201 -8.12 -12.67 -16.72
CA ARG A 201 -8.72 -13.99 -16.60
C ARG A 201 -7.67 -15.06 -16.83
N ALA A 202 -7.88 -16.20 -16.17
CA ALA A 202 -7.02 -17.36 -16.32
C ALA A 202 -7.17 -17.94 -17.73
N ARG A 203 -6.21 -18.75 -18.15
CA ARG A 203 -6.29 -19.51 -19.39
C ARG A 203 -7.34 -20.59 -19.24
N ASP A 204 -7.83 -21.07 -20.37
CA ASP A 204 -8.83 -22.15 -20.37
C ASP A 204 -8.42 -23.29 -21.26
N PRO A 205 -8.15 -24.49 -20.68
CA PRO A 205 -8.21 -24.85 -19.25
C PRO A 205 -7.10 -24.20 -18.44
N PRO A 206 -7.30 -24.05 -17.13
CA PRO A 206 -6.16 -23.52 -16.39
C PRO A 206 -5.00 -24.49 -16.42
N THR A 207 -3.77 -24.00 -16.62
CA THR A 207 -2.61 -24.87 -16.58
C THR A 207 -1.49 -24.26 -15.74
N PRO A 208 -1.61 -24.35 -14.41
CA PRO A 208 -0.51 -23.92 -13.57
C PRO A 208 0.71 -24.80 -13.75
N VAL A 209 1.89 -24.22 -13.56
CA VAL A 209 3.11 -25.00 -13.81
C VAL A 209 4.11 -24.78 -12.70
N TYR A 210 3.66 -24.19 -11.61
CA TYR A 210 4.47 -24.00 -10.41
C TYR A 210 3.61 -24.36 -9.22
N PRO A 211 4.25 -24.69 -8.09
CA PRO A 211 3.53 -24.95 -6.84
C PRO A 211 2.89 -23.69 -6.25
N HIS A 212 3.37 -22.53 -6.66
CA HIS A 212 2.98 -21.27 -6.08
C HIS A 212 3.00 -21.24 -4.55
N VAL A 213 4.22 -21.29 -4.03
CA VAL A 213 4.48 -21.29 -2.62
C VAL A 213 3.83 -20.06 -1.94
N GLU A 214 3.71 -18.96 -2.65
CA GLU A 214 3.16 -17.74 -2.09
C GLU A 214 1.70 -17.88 -1.62
N TYR A 215 0.98 -18.86 -2.16
CA TYR A 215 -0.39 -19.09 -1.76
C TYR A 215 -0.53 -20.28 -0.82
N GLN A 216 0.59 -20.82 -0.34
CA GLN A 216 0.53 -21.89 0.68
C GLN A 216 0.58 -21.27 2.10
N PRO A 217 -0.03 -21.94 3.10
CA PRO A 217 -0.08 -21.38 4.46
C PRO A 217 1.31 -21.09 4.97
N ALA A 218 1.46 -19.94 5.61
CA ALA A 218 2.75 -19.52 6.12
C ALA A 218 3.19 -20.40 7.28
N PRO A 219 4.51 -20.50 7.51
CA PRO A 219 4.97 -21.30 8.65
C PRO A 219 4.49 -20.79 10.01
N ALA A 220 4.15 -21.75 10.87
CA ALA A 220 3.84 -21.45 12.27
C ALA A 220 5.11 -21.57 13.13
N MET A 221 5.13 -20.91 14.29
CA MET A 221 6.14 -21.16 15.34
C MET A 221 6.24 -22.64 15.67
N LEU A 222 7.46 -23.14 15.78
CA LEU A 222 7.69 -24.52 16.16
C LEU A 222 7.21 -24.74 17.60
N SER A 223 6.35 -25.74 17.80
CA SER A 223 5.76 -25.99 19.10
C SER A 223 6.81 -26.53 20.06
N PRO A 237 -0.04 -10.46 21.47
CA PRO A 237 0.80 -9.50 22.20
C PRO A 237 0.69 -8.10 21.59
N PRO A 238 0.72 -7.04 22.42
CA PRO A 238 0.57 -5.66 21.94
C PRO A 238 1.53 -5.33 20.81
N ALA A 239 1.04 -4.83 19.69
CA ALA A 239 1.90 -4.56 18.54
C ALA A 239 2.29 -3.09 18.44
N ALA A 240 3.59 -2.84 18.54
CA ALA A 240 4.17 -1.51 18.43
C ALA A 240 4.27 -1.11 16.97
N VAL A 241 4.28 0.19 16.69
CA VAL A 241 4.52 0.69 15.35
C VAL A 241 5.60 1.75 15.38
N ALA A 242 6.49 1.74 14.38
CA ALA A 242 7.53 2.75 14.30
C ALA A 242 7.98 2.94 12.86
N ILE A 243 8.74 3.99 12.64
CA ILE A 243 9.31 4.25 11.32
C ILE A 243 10.79 4.58 11.47
N PHE A 244 11.59 4.04 10.55
CA PHE A 244 13.05 4.13 10.61
C PHE A 244 13.62 4.61 9.31
N ARG A 245 14.40 5.70 9.36
CA ARG A 245 15.09 6.19 8.16
C ARG A 245 16.49 5.65 8.05
N LEU A 246 16.84 5.24 6.83
CA LEU A 246 18.20 4.90 6.49
C LEU A 246 18.63 5.86 5.41
N SER A 247 19.68 6.61 5.67
CA SER A 247 20.23 7.55 4.71
C SER A 247 20.83 6.86 3.47
N ARG A 248 21.00 7.62 2.38
CA ARG A 248 21.65 7.07 1.19
C ARG A 248 23.00 6.45 1.55
N ALA A 249 23.73 7.09 2.47
CA ALA A 249 25.06 6.62 2.87
C ALA A 249 24.97 5.33 3.70
N ASP A 250 23.94 5.21 4.54
CA ASP A 250 23.69 3.97 5.28
C ASP A 250 23.38 2.79 4.33
N LEU A 251 22.52 3.06 3.36
CA LEU A 251 22.10 2.03 2.40
C LEU A 251 23.32 1.61 1.59
N GLY A 252 24.15 2.59 1.21
CA GLY A 252 25.40 2.31 0.53
C GLY A 252 26.33 1.41 1.33
N ARG A 253 26.49 1.75 2.59
CA ARG A 253 27.39 0.99 3.44
C ARG A 253 26.85 -0.39 3.66
N LEU A 254 25.53 -0.49 3.73
CA LEU A 254 24.89 -1.78 3.94
C LEU A 254 25.13 -2.64 2.71
N ARG A 255 24.88 -2.08 1.52
CA ARG A 255 25.18 -2.82 0.31
C ARG A 255 26.67 -3.24 0.22
N SER A 256 27.58 -2.33 0.57
CA SER A 256 29.01 -2.60 0.46
C SER A 256 29.50 -3.75 1.34
N GLN A 257 28.69 -4.15 2.32
CA GLN A 257 28.99 -5.30 3.16
C GLN A 257 28.83 -6.63 2.42
N ILE A 258 28.05 -6.63 1.35
CA ILE A 258 27.78 -7.86 0.60
C ILE A 258 28.81 -8.03 -0.50
N PRO A 259 29.45 -9.22 -0.55
CA PRO A 259 30.43 -9.42 -1.61
C PRO A 259 29.78 -9.34 -2.97
N ALA A 260 30.33 -8.48 -3.85
CA ALA A 260 29.86 -8.33 -5.21
C ALA A 260 31.00 -8.75 -6.11
N ARG A 261 30.93 -9.98 -6.60
CA ARG A 261 32.00 -10.56 -7.36
C ARG A 261 31.64 -10.55 -8.83
N GLU A 262 32.65 -10.40 -9.67
CA GLU A 262 32.48 -10.49 -11.10
C GLU A 262 31.78 -11.79 -11.48
N GLY A 263 30.77 -11.68 -12.33
CA GLY A 263 30.06 -12.84 -12.82
C GLY A 263 28.90 -13.24 -11.92
N VAL A 264 28.65 -12.47 -10.88
CA VAL A 264 27.50 -12.70 -10.01
C VAL A 264 26.48 -11.58 -10.17
N PRO A 265 25.25 -11.94 -10.57
CA PRO A 265 24.28 -10.86 -10.82
C PRO A 265 24.08 -9.98 -9.59
N ARG A 266 23.85 -8.71 -9.85
CA ARG A 266 23.82 -7.74 -8.79
C ARG A 266 22.53 -7.82 -8.01
N LEU A 267 22.62 -7.74 -6.69
CA LEU A 267 21.41 -7.73 -5.86
C LEU A 267 20.65 -6.42 -5.97
N SER A 268 19.32 -6.47 -5.96
CA SER A 268 18.54 -5.24 -5.98
C SER A 268 18.59 -4.58 -4.58
N THR A 269 18.43 -3.26 -4.55
CA THR A 269 18.36 -2.55 -3.27
C THR A 269 17.21 -3.06 -2.41
N TYR A 270 16.10 -3.43 -3.05
CA TYR A 270 15.00 -4.00 -2.30
C TYR A 270 15.50 -5.28 -1.60
N ALA A 271 16.21 -6.14 -2.32
CA ALA A 271 16.60 -7.44 -1.75
C ALA A 271 17.56 -7.23 -0.58
N VAL A 272 18.43 -6.23 -0.69
CA VAL A 272 19.43 -5.97 0.37
C VAL A 272 18.74 -5.43 1.58
N LEU A 273 17.89 -4.41 1.38
CA LEU A 273 17.18 -3.80 2.49
C LEU A 273 16.23 -4.78 3.16
N ALA A 274 15.50 -5.51 2.34
CA ALA A 274 14.60 -6.53 2.84
C ALA A 274 15.35 -7.58 3.64
N ALA A 275 16.54 -7.98 3.19
CA ALA A 275 17.31 -8.98 3.95
C ALA A 275 17.66 -8.41 5.32
N HIS A 276 18.00 -7.12 5.34
CA HIS A 276 18.40 -6.46 6.54
C HIS A 276 17.22 -6.43 7.50
N VAL A 277 16.04 -6.06 6.99
CA VAL A 277 14.85 -5.95 7.85
C VAL A 277 14.45 -7.31 8.38
N TRP A 278 14.52 -8.29 7.49
CA TRP A 278 14.12 -9.65 7.85
C TRP A 278 15.09 -10.20 8.92
N ARG A 279 16.38 -9.98 8.69
CA ARG A 279 17.38 -10.38 9.68
C ARG A 279 17.16 -9.69 11.05
N CYS A 280 16.96 -8.38 11.06
CA CYS A 280 16.73 -7.64 12.28
C CYS A 280 15.45 -8.10 12.99
N ALA A 281 14.39 -8.38 12.25
CA ALA A 281 13.14 -8.75 12.90
C ALA A 281 13.29 -10.14 13.48
N SER A 282 13.94 -10.99 12.72
CA SER A 282 14.16 -12.35 13.16
C SER A 282 15.01 -12.43 14.43
N LEU A 283 16.06 -11.62 14.50
CA LEU A 283 16.90 -11.54 15.70
C LEU A 283 16.12 -10.96 16.87
N ALA A 284 15.35 -9.91 16.60
CA ALA A 284 14.61 -9.24 17.68
C ALA A 284 13.55 -10.17 18.25
N ARG A 285 12.95 -10.99 17.38
CA ARG A 285 12.00 -12.02 17.84
C ARG A 285 12.65 -13.23 18.50
N GLY A 286 13.97 -13.34 18.40
CA GLY A 286 14.69 -14.43 19.01
C GLY A 286 14.42 -15.79 18.35
N LEU A 287 14.25 -15.77 17.04
CA LEU A 287 13.96 -17.03 16.34
C LEU A 287 15.12 -18.03 16.35
N PRO A 288 14.86 -19.29 16.77
CA PRO A 288 15.91 -20.32 16.67
C PRO A 288 16.34 -20.59 15.23
N ALA A 289 17.52 -21.13 15.05
CA ALA A 289 18.07 -21.29 13.71
C ALA A 289 17.19 -22.18 12.81
N ASP A 290 16.45 -23.09 13.43
CA ASP A 290 15.67 -24.06 12.67
C ASP A 290 14.21 -23.63 12.50
N GLN A 291 13.88 -22.41 12.90
CA GLN A 291 12.54 -21.89 12.70
C GLN A 291 12.34 -21.39 11.28
N PRO A 292 11.47 -22.05 10.50
CA PRO A 292 11.15 -21.47 9.20
C PRO A 292 10.52 -20.07 9.29
N THR A 293 10.82 -19.28 8.28
CA THR A 293 10.26 -17.96 8.22
C THR A 293 10.07 -17.58 6.76
N LYS A 294 9.01 -16.83 6.53
CA LYS A 294 8.52 -16.50 5.22
C LYS A 294 8.29 -15.01 5.10
N LEU A 295 8.84 -14.43 4.05
CA LEU A 295 8.79 -12.99 3.83
C LEU A 295 7.88 -12.79 2.63
N TYR A 296 6.87 -11.95 2.77
CA TYR A 296 5.87 -11.70 1.72
C TYR A 296 6.21 -10.38 0.99
N CYS A 297 6.53 -10.48 -0.29
CA CYS A 297 6.88 -9.32 -1.09
CA CYS A 297 6.86 -9.30 -1.09
C CYS A 297 5.88 -9.08 -2.23
N ALA A 298 5.06 -8.03 -2.09
CA ALA A 298 4.13 -7.63 -3.14
C ALA A 298 4.92 -7.26 -4.41
N THR A 299 4.51 -7.81 -5.54
CA THR A 299 5.21 -7.58 -6.81
C THR A 299 4.20 -7.13 -7.86
N ASP A 300 4.55 -6.06 -8.53
CA ASP A 300 3.69 -5.47 -9.57
C ASP A 300 3.78 -6.28 -10.88
N GLY A 301 2.68 -6.91 -11.22
CA GLY A 301 2.61 -7.68 -12.45
C GLY A 301 2.71 -6.88 -13.73
N ARG A 302 2.49 -5.57 -13.64
CA ARG A 302 2.42 -4.76 -14.85
C ARG A 302 3.78 -4.79 -15.55
N GLN A 303 4.84 -4.79 -14.73
CA GLN A 303 6.19 -4.82 -15.25
C GLN A 303 6.60 -6.20 -15.75
N ARG A 304 5.75 -7.22 -15.53
CA ARG A 304 6.11 -8.61 -15.83
C ARG A 304 5.27 -9.29 -16.92
N LEU A 305 3.99 -8.93 -17.00
CA LEU A 305 3.10 -9.53 -17.99
C LEU A 305 3.43 -9.06 -19.40
N GLN A 306 3.37 -10.01 -20.34
CA GLN A 306 3.69 -9.78 -21.74
C GLN A 306 2.62 -10.47 -22.57
N PRO A 307 2.00 -9.74 -23.50
CA PRO A 307 2.06 -8.30 -23.76
C PRO A 307 1.68 -7.46 -22.54
N PRO A 308 2.18 -6.22 -22.46
CA PRO A 308 1.80 -5.42 -21.30
C PRO A 308 0.30 -5.05 -21.36
N LEU A 309 -0.27 -4.83 -20.18
CA LEU A 309 -1.64 -4.39 -20.06
C LEU A 309 -1.81 -2.99 -20.61
N PRO A 310 -3.03 -2.60 -20.98
CA PRO A 310 -3.19 -1.18 -21.30
C PRO A 310 -2.64 -0.26 -20.20
N GLU A 311 -2.08 0.87 -20.63
CA GLU A 311 -1.42 1.79 -19.69
C GLU A 311 -2.30 2.14 -18.49
N GLY A 312 -3.57 2.43 -18.73
CA GLY A 312 -4.44 2.79 -17.61
C GLY A 312 -5.17 1.68 -16.88
N TYR A 313 -4.77 0.42 -17.07
CA TYR A 313 -5.48 -0.73 -16.42
C TYR A 313 -5.80 -0.47 -14.96
N PHE A 314 -7.07 -0.53 -14.62
CA PHE A 314 -7.55 -0.09 -13.31
C PHE A 314 -8.00 -1.28 -12.48
N GLY A 315 -7.19 -1.66 -11.50
CA GLY A 315 -7.42 -2.90 -10.76
C GLY A 315 -6.19 -3.27 -9.96
N ASN A 316 -6.17 -4.50 -9.42
CA ASN A 316 -4.96 -5.07 -8.80
C ASN A 316 -4.19 -5.95 -9.80
N VAL A 317 -2.89 -5.73 -9.86
CA VAL A 317 -2.03 -6.59 -10.65
C VAL A 317 -0.91 -7.07 -9.72
N ILE A 318 -1.27 -7.38 -8.46
CA ILE A 318 -0.28 -7.82 -7.46
C ILE A 318 -0.07 -9.33 -7.45
N PHE A 319 1.16 -9.73 -7.74
CA PHE A 319 1.58 -11.11 -7.54
C PHE A 319 2.47 -11.05 -6.31
N THR A 320 2.86 -12.19 -5.77
CA THR A 320 3.53 -12.20 -4.48
C THR A 320 4.75 -13.11 -4.51
N ALA A 321 5.91 -12.53 -4.21
CA ALA A 321 7.15 -13.31 -4.04
C ALA A 321 7.31 -13.63 -2.57
N THR A 322 7.54 -14.90 -2.24
CA THR A 322 7.66 -15.29 -0.85
C THR A 322 8.92 -16.11 -0.61
N PRO A 323 10.06 -15.42 -0.44
CA PRO A 323 11.23 -16.15 0.05
C PRO A 323 10.92 -16.83 1.38
N LEU A 324 11.55 -17.97 1.59
CA LEU A 324 11.25 -18.80 2.73
C LEU A 324 12.50 -19.54 3.10
N ALA A 325 12.92 -19.42 4.35
CA ALA A 325 14.17 -20.00 4.77
C ALA A 325 14.12 -20.29 6.26
N ASP A 326 15.06 -21.09 6.73
CA ASP A 326 15.26 -21.25 8.16
C ASP A 326 15.84 -19.94 8.71
N ALA A 327 15.41 -19.55 9.90
CA ALA A 327 15.84 -18.28 10.49
C ALA A 327 17.39 -18.21 10.58
N GLY A 328 18.01 -19.38 10.71
CA GLY A 328 19.47 -19.50 10.74
C GLY A 328 20.12 -18.97 9.48
N THR A 329 19.48 -19.15 8.34
CA THR A 329 20.02 -18.64 7.09
C THR A 329 19.88 -17.11 7.07
N VAL A 330 18.70 -16.62 7.44
CA VAL A 330 18.37 -15.17 7.42
C VAL A 330 19.22 -14.33 8.40
N THR A 331 19.47 -14.90 9.59
CA THR A 331 20.22 -14.20 10.62
C THR A 331 21.73 -14.37 10.49
N ALA A 332 22.20 -15.38 9.75
CA ALA A 332 23.63 -15.56 9.51
C ALA A 332 24.21 -14.34 8.83
N GLY A 333 23.39 -13.64 8.05
CA GLY A 333 23.83 -12.37 7.54
C GLY A 333 22.97 -11.85 6.44
N VAL A 334 23.11 -10.55 6.15
CA VAL A 334 22.33 -9.95 5.07
C VAL A 334 22.71 -10.52 3.70
N ALA A 335 23.96 -10.93 3.54
CA ALA A 335 24.43 -11.48 2.26
C ALA A 335 23.61 -12.72 1.89
N GLU A 336 23.44 -13.61 2.86
CA GLU A 336 22.76 -14.87 2.60
C GLU A 336 21.28 -14.65 2.42
N GLY A 337 20.70 -13.79 3.26
CA GLY A 337 19.29 -13.47 3.15
C GLY A 337 18.96 -12.73 1.85
N ALA A 338 19.85 -11.84 1.42
CA ALA A 338 19.57 -11.07 0.22
C ALA A 338 19.55 -12.02 -0.98
N ALA A 339 20.44 -13.01 -0.99
CA ALA A 339 20.48 -13.97 -2.08
C ALA A 339 19.14 -14.75 -2.21
N VAL A 340 18.60 -15.19 -1.08
CA VAL A 340 17.32 -15.90 -1.05
C VAL A 340 16.18 -15.05 -1.55
N ILE A 341 16.13 -13.80 -1.13
CA ILE A 341 15.12 -12.87 -1.59
C ILE A 341 15.25 -12.60 -3.08
N GLN A 342 16.45 -12.30 -3.55
CA GLN A 342 16.58 -11.99 -4.98
C GLN A 342 16.14 -13.20 -5.83
N ALA A 343 16.49 -14.41 -5.41
CA ALA A 343 16.08 -15.61 -6.12
C ALA A 343 14.57 -15.69 -6.21
N ALA A 344 13.88 -15.34 -5.13
CA ALA A 344 12.43 -15.42 -5.13
C ALA A 344 11.86 -14.35 -6.08
N LEU A 345 12.47 -13.16 -6.06
CA LEU A 345 12.06 -12.08 -6.96
C LEU A 345 12.24 -12.48 -8.41
N ASP A 346 13.36 -13.14 -8.65
CA ASP A 346 13.77 -13.47 -10.00
C ASP A 346 12.80 -14.49 -10.60
N ARG A 347 12.09 -15.22 -9.75
CA ARG A 347 11.09 -16.17 -10.25
C ARG A 347 9.90 -15.50 -10.88
N MET A 348 9.70 -14.22 -10.58
CA MET A 348 8.45 -13.55 -10.88
C MET A 348 8.49 -12.96 -12.29
N ASP A 349 8.43 -13.84 -13.27
CA ASP A 349 8.38 -13.44 -14.67
C ASP A 349 7.01 -13.68 -15.25
N GLU A 350 6.90 -13.54 -16.57
CA GLU A 350 5.63 -13.59 -17.26
C GLU A 350 5.00 -14.96 -17.01
N GLY A 351 5.81 -16.00 -17.13
CA GLY A 351 5.29 -17.36 -17.11
C GLY A 351 4.82 -17.69 -15.70
N TYR A 352 5.54 -17.19 -14.71
CA TYR A 352 5.15 -17.39 -13.31
C TYR A 352 3.85 -16.67 -12.95
N CYS A 353 3.78 -15.39 -13.32
CA CYS A 353 2.59 -14.64 -13.01
C CYS A 353 1.37 -15.21 -13.77
N ARG A 354 1.59 -15.71 -14.97
CA ARG A 354 0.50 -16.34 -15.75
C ARG A 354 0.00 -17.61 -15.09
N SER A 355 0.94 -18.44 -14.65
CA SER A 355 0.65 -19.65 -13.89
C SER A 355 -0.14 -19.33 -12.63
N ALA A 356 0.24 -18.26 -11.94
CA ALA A 356 -0.47 -17.87 -10.71
C ALA A 356 -1.95 -17.56 -10.97
N LEU A 357 -2.26 -16.84 -12.04
CA LEU A 357 -3.64 -16.59 -12.41
C LEU A 357 -4.40 -17.91 -12.54
N ASP A 358 -3.79 -18.88 -13.20
CA ASP A 358 -4.42 -20.18 -13.40
C ASP A 358 -4.64 -20.94 -12.10
N TYR A 359 -3.68 -20.82 -11.20
CA TYR A 359 -3.67 -21.49 -9.92
C TYR A 359 -4.83 -20.97 -9.07
N LEU A 360 -4.94 -19.65 -9.03
CA LEU A 360 -6.00 -19.00 -8.28
C LEU A 360 -7.36 -19.37 -8.84
N GLU A 361 -7.42 -19.55 -10.16
CA GLU A 361 -8.68 -19.95 -10.79
C GLU A 361 -9.16 -21.33 -10.33
N LEU A 362 -8.22 -22.20 -9.91
CA LEU A 362 -8.58 -23.57 -9.55
C LEU A 362 -9.00 -23.69 -8.09
N GLN A 363 -8.83 -22.63 -7.34
CA GLN A 363 -9.18 -22.65 -5.92
C GLN A 363 -10.69 -22.56 -5.71
N PRO A 364 -11.23 -23.40 -4.80
CA PRO A 364 -12.68 -23.37 -4.62
C PRO A 364 -13.19 -22.09 -3.96
N ASP A 365 -12.38 -21.53 -3.07
CA ASP A 365 -12.77 -20.33 -2.31
C ASP A 365 -11.55 -19.44 -2.09
N LEU A 366 -11.48 -18.33 -2.80
CA LEU A 366 -10.30 -17.49 -2.72
C LEU A 366 -10.20 -16.69 -1.43
N SER A 367 -11.31 -16.62 -0.68
CA SER A 367 -11.31 -15.85 0.57
C SER A 367 -10.40 -16.55 1.56
N ALA A 368 -10.17 -17.83 1.34
CA ALA A 368 -9.25 -18.55 2.20
C ALA A 368 -7.78 -18.14 1.97
N LEU A 369 -7.47 -17.62 0.78
CA LEU A 369 -6.09 -17.26 0.45
C LEU A 369 -5.77 -15.80 0.76
N VAL A 370 -6.77 -15.08 1.25
CA VAL A 370 -6.62 -13.64 1.51
C VAL A 370 -5.51 -13.37 2.50
N ARG A 371 -4.60 -12.45 2.20
CA ARG A 371 -3.47 -12.17 3.08
C ARG A 371 -3.96 -11.31 4.24
N GLY A 372 -3.73 -11.74 5.48
CA GLY A 372 -4.19 -10.98 6.63
C GLY A 372 -3.29 -11.16 7.82
N ALA A 373 -3.87 -11.04 9.01
CA ALA A 373 -3.10 -11.05 10.25
C ALA A 373 -2.27 -12.33 10.38
N HIS A 374 -2.89 -13.46 10.05
CA HIS A 374 -2.24 -14.77 10.21
C HIS A 374 -1.10 -14.94 9.20
N THR A 375 -1.14 -14.19 8.11
CA THR A 375 -0.10 -14.23 7.08
C THR A 375 1.20 -13.58 7.55
N PHE A 376 1.11 -12.39 8.11
CA PHE A 376 2.34 -11.61 8.32
C PHE A 376 2.88 -11.77 9.74
N ARG A 377 2.11 -12.36 10.64
CA ARG A 377 2.55 -12.38 12.02
C ARG A 377 3.82 -13.22 12.25
N CYS A 378 4.52 -12.90 13.32
CA CYS A 378 5.67 -13.66 13.77
C CYS A 378 5.45 -15.18 13.60
N PRO A 379 6.40 -15.92 12.97
CA PRO A 379 7.80 -15.68 12.61
C PRO A 379 7.95 -15.13 11.22
N ASN A 380 6.85 -14.78 10.60
CA ASN A 380 6.88 -14.33 9.23
C ASN A 380 6.82 -12.79 9.18
N LEU A 381 6.79 -12.26 7.96
CA LEU A 381 6.94 -10.85 7.72
C LEU A 381 6.41 -10.48 6.33
N GLY A 382 5.88 -9.27 6.21
CA GLY A 382 5.57 -8.69 4.92
C GLY A 382 6.31 -7.37 4.74
N LEU A 383 6.82 -7.15 3.55
CA LEU A 383 7.56 -5.92 3.26
C LEU A 383 7.16 -5.39 1.89
N THR A 384 6.24 -4.44 1.94
CA THR A 384 5.60 -3.88 0.78
C THR A 384 6.34 -2.62 0.38
N SER A 385 6.95 -2.60 -0.80
CA SER A 385 7.67 -1.43 -1.28
C SER A 385 6.75 -0.43 -1.95
N TRP A 386 6.80 0.82 -1.48
CA TRP A 386 6.17 1.95 -2.11
C TRP A 386 7.20 2.83 -2.85
N VAL A 387 8.45 2.37 -2.93
CA VAL A 387 9.55 3.14 -3.51
C VAL A 387 9.31 3.66 -4.93
N ARG A 388 8.69 2.86 -5.78
CA ARG A 388 8.38 3.27 -7.17
C ARG A 388 6.90 3.71 -7.37
N LEU A 389 6.12 3.84 -6.31
CA LEU A 389 4.75 4.37 -6.44
C LEU A 389 4.83 5.91 -6.44
N PRO A 390 3.99 6.58 -7.23
CA PRO A 390 4.00 8.05 -7.26
C PRO A 390 3.25 8.62 -6.03
N ILE A 391 3.76 8.36 -4.82
CA ILE A 391 3.04 8.78 -3.63
C ILE A 391 3.16 10.28 -3.33
N HIS A 392 4.09 10.97 -3.97
CA HIS A 392 4.28 12.38 -3.68
C HIS A 392 3.81 13.26 -4.84
N ASP A 393 3.02 12.72 -5.76
CA ASP A 393 2.64 13.51 -6.91
C ASP A 393 1.25 14.15 -6.77
N ALA A 394 0.58 13.93 -5.65
CA ALA A 394 -0.75 14.48 -5.49
C ALA A 394 -0.72 15.96 -5.19
N ASP A 395 -0.63 16.80 -6.23
CA ASP A 395 -0.68 18.27 -6.08
C ASP A 395 -2.06 18.75 -6.50
N PHE A 396 -2.86 19.19 -5.52
CA PHE A 396 -4.25 19.56 -5.78
C PHE A 396 -4.35 21.01 -6.17
N GLY A 397 -3.22 21.71 -6.16
CA GLY A 397 -3.21 23.11 -6.50
C GLY A 397 -2.52 23.97 -5.45
N TRP A 398 -2.06 23.36 -4.37
CA TRP A 398 -1.49 24.11 -3.27
C TRP A 398 -0.16 23.49 -2.85
N GLY A 399 0.39 22.66 -3.73
CA GLY A 399 1.74 22.14 -3.57
C GLY A 399 1.80 20.64 -3.42
N ARG A 400 3.00 20.09 -3.53
CA ARG A 400 3.22 18.68 -3.35
C ARG A 400 3.28 18.33 -1.86
N PRO A 401 2.93 17.10 -1.50
CA PRO A 401 2.96 16.84 -0.05
C PRO A 401 4.39 16.76 0.48
N VAL A 402 4.54 16.95 1.77
CA VAL A 402 5.84 16.85 2.40
C VAL A 402 6.06 15.44 2.97
N PHE A 403 4.98 14.70 3.11
CA PHE A 403 5.08 13.30 3.53
C PHE A 403 3.90 12.54 2.97
N MET A 404 4.10 11.28 2.57
CA MET A 404 3.01 10.38 2.30
C MET A 404 3.37 9.02 2.84
N GLY A 405 2.48 8.40 3.60
CA GLY A 405 2.74 7.07 4.11
C GLY A 405 1.50 6.31 4.50
N PRO A 406 1.68 5.10 5.00
CA PRO A 406 0.54 4.30 5.44
C PRO A 406 -0.11 4.94 6.64
N GLY A 407 -1.43 4.89 6.64
CA GLY A 407 -2.23 5.56 7.66
C GLY A 407 -2.10 4.85 8.99
N GLY A 408 -1.91 3.55 8.92
CA GLY A 408 -1.73 2.74 10.10
C GLY A 408 -1.20 1.44 9.53
N ILE A 409 -0.85 0.52 10.41
CA ILE A 409 -0.48 -0.81 10.03
C ILE A 409 -1.26 -1.77 10.90
N ALA A 410 -2.26 -2.42 10.33
CA ALA A 410 -3.22 -3.21 11.10
C ALA A 410 -2.68 -4.55 11.55
N TYR A 411 -1.65 -5.07 10.87
CA TYR A 411 -1.17 -6.41 11.18
C TYR A 411 0.27 -6.36 11.69
N GLU A 412 0.53 -6.99 12.83
CA GLU A 412 1.90 -7.29 13.23
C GLU A 412 2.66 -8.04 12.14
N GLY A 413 3.88 -7.61 11.88
CA GLY A 413 4.77 -8.29 10.96
C GLY A 413 4.70 -7.66 9.60
N LEU A 414 3.84 -6.64 9.45
CA LEU A 414 3.68 -5.99 8.16
C LEU A 414 4.48 -4.71 8.18
N ALA A 415 5.18 -4.45 7.09
CA ALA A 415 6.07 -3.29 6.95
C ALA A 415 6.04 -2.73 5.54
N PHE A 416 6.48 -1.48 5.43
CA PHE A 416 6.50 -0.75 4.17
C PHE A 416 7.87 -0.11 3.91
N VAL A 417 8.32 -0.10 2.67
CA VAL A 417 9.46 0.71 2.29
C VAL A 417 8.95 1.96 1.63
N LEU A 418 9.32 3.11 2.20
CA LEU A 418 8.91 4.41 1.69
C LEU A 418 10.07 5.19 1.10
N PRO A 419 9.89 5.79 -0.08
CA PRO A 419 10.90 6.70 -0.61
C PRO A 419 10.82 8.05 0.06
N SER A 420 11.90 8.83 -0.04
CA SER A 420 11.96 10.15 0.57
C SER A 420 11.12 11.15 -0.23
N ALA A 421 10.48 12.04 0.48
CA ALA A 421 9.75 13.15 -0.12
C ALA A 421 10.68 14.21 -0.70
N ASN A 422 11.96 14.16 -0.33
CA ASN A 422 12.94 15.05 -0.91
C ASN A 422 13.90 14.24 -1.77
N ARG A 423 15.00 14.85 -2.19
CA ARG A 423 15.92 14.23 -3.13
C ARG A 423 17.11 13.54 -2.48
N ASP A 424 17.03 13.25 -1.18
CA ASP A 424 18.23 12.81 -0.48
C ASP A 424 18.53 11.33 -0.67
N GLY A 425 17.63 10.61 -1.34
CA GLY A 425 17.87 9.21 -1.65
C GLY A 425 17.81 8.29 -0.45
N SER A 426 17.33 8.79 0.69
CA SER A 426 17.09 7.95 1.88
C SER A 426 15.82 7.10 1.67
N LEU A 427 15.74 5.98 2.38
CA LEU A 427 14.52 5.17 2.43
C LEU A 427 14.11 5.01 3.87
N SER A 428 12.82 4.84 4.09
CA SER A 428 12.31 4.58 5.44
C SER A 428 11.57 3.27 5.49
N VAL A 429 11.70 2.61 6.62
CA VAL A 429 10.95 1.39 6.85
C VAL A 429 9.92 1.67 7.97
N ALA A 430 8.65 1.57 7.62
CA ALA A 430 7.55 1.67 8.56
C ALA A 430 7.13 0.26 8.90
N ILE A 431 7.05 -0.06 10.18
CA ILE A 431 6.85 -1.46 10.55
C ILE A 431 6.07 -1.62 11.85
N SER A 432 5.34 -2.73 11.91
CA SER A 432 4.67 -3.19 13.11
C SER A 432 5.28 -4.52 13.63
N LEU A 433 5.66 -4.54 14.90
CA LEU A 433 6.18 -5.75 15.56
C LEU A 433 5.62 -5.77 16.97
N GLN A 434 5.70 -6.93 17.60
CA GLN A 434 5.39 -7.01 19.01
C GLN A 434 6.26 -6.04 19.81
N ALA A 435 5.62 -5.39 20.77
CA ALA A 435 6.26 -4.31 21.52
C ALA A 435 7.62 -4.70 22.10
N GLU A 436 7.70 -5.85 22.76
CA GLU A 436 8.97 -6.35 23.29
C GLU A 436 10.02 -6.55 22.21
N HIS A 437 9.57 -6.89 21.02
CA HIS A 437 10.47 -7.12 19.92
C HIS A 437 10.94 -5.81 19.27
N MET A 438 10.07 -4.83 19.25
CA MET A 438 10.38 -3.56 18.62
C MET A 438 11.52 -2.88 19.32
N GLU A 439 11.58 -3.03 20.63
CA GLU A 439 12.61 -2.41 21.41
C GLU A 439 13.99 -2.87 20.94
N LYS A 440 14.10 -4.14 20.57
CA LYS A 440 15.36 -4.62 20.00
C LYS A 440 15.54 -4.22 18.54
N PHE A 441 14.44 -4.26 17.78
CA PHE A 441 14.52 -4.00 16.36
C PHE A 441 15.08 -2.60 16.14
N ARG A 442 14.61 -1.69 16.98
CA ARG A 442 14.99 -0.28 16.95
C ARG A 442 16.49 -0.10 16.97
N LYS A 443 17.16 -0.92 17.77
CA LYS A 443 18.62 -0.84 17.88
C LYS A 443 19.28 -1.61 16.73
N PHE A 444 18.74 -2.77 16.41
CA PHE A 444 19.37 -3.66 15.43
C PHE A 444 19.39 -3.08 14.01
N ILE A 445 18.36 -2.32 13.64
CA ILE A 445 18.28 -1.87 12.27
C ILE A 445 19.45 -0.91 11.92
N TYR A 446 20.09 -0.31 12.93
CA TYR A 446 21.27 0.55 12.73
C TYR A 446 22.60 -0.11 13.16
N ASP A 447 22.50 -1.34 13.69
CA ASP A 447 23.63 -2.03 14.34
C ASP A 447 24.36 -2.86 13.27
N PHE A 448 24.99 -2.19 12.32
CA PHE A 448 25.78 -2.86 11.31
C PHE A 448 27.06 -2.07 10.99
C4 WCA B . 15.14 3.79 -11.90
C4 WCA B . 15.42 2.34 -11.25
C5 WCA B . 14.16 4.68 -11.71
C5 WCA B . 14.85 2.96 -12.30
C6 WCA B . 13.81 5.56 -12.72
C6 WCA B . 14.42 4.27 -12.18
C8 WCA B . 14.37 3.53 -9.88
C8 WCA B . 15.34 0.93 -12.90
N1 WCA B . 14.44 5.52 -13.88
N1 WCA B . 14.58 4.91 -11.03
N3 WCA B . 15.79 3.76 -13.09
N3 WCA B . 15.57 3.01 -10.08
CAV WCA B . -1.49 3.45 -1.79
CAV WCA B . -1.45 3.46 -1.86
CAT WCA B . -2.34 4.50 -2.00
CAT WCA B . -2.33 4.51 -2.03
CBS WCA B . -3.65 4.26 -2.35
CBS WCA B . -3.64 4.26 -2.35
OAJ WCA B . -4.51 5.34 -2.54
OAJ WCA B . -4.51 5.34 -2.51
CAU WCA B . -4.12 2.96 -2.50
CAU WCA B . -4.10 2.96 -2.50
CAW WCA B . -3.25 1.89 -2.29
CAW WCA B . -3.23 1.90 -2.34
CBT WCA B . -1.95 2.15 -1.92
CBT WCA B . -1.91 2.16 -2.00
CAR WCA B . -0.93 1.04 -1.71
CAR WCA B . -0.89 1.05 -1.83
CAQ WCA B . -1.13 -0.11 -2.29
CAQ WCA B . -1.13 -0.15 -2.29
CBP WCA B . -0.13 -1.23 -2.19
CBP WCA B . -0.08 -1.25 -2.17
OAD WCA B . 0.71 -1.32 -1.35
OAD WCA B . 0.79 -1.23 -1.37
SBO WCA B . -0.22 -2.43 -3.53
SBO WCA B . -0.18 -2.57 -3.37
CBA WCA B . 1.49 -3.02 -3.70
CBA WCA B . 1.55 -3.06 -3.66
CAY WCA B . 2.36 -1.84 -4.11
CAY WCA B . 2.34 -1.84 -4.14
NBH WCA B . 3.71 -2.33 -4.32
NBH WCA B . 3.74 -2.19 -4.28
CBQ WCA B . 4.13 -2.81 -5.62
CBQ WCA B . 4.19 -2.96 -5.44
OAE WCA B . 3.37 -2.79 -6.52
OAE WCA B . 3.41 -3.31 -6.26
CBB WCA B . 5.56 -3.31 -5.79
CBB WCA B . 5.67 -3.30 -5.57
CAZ WCA B . 6.21 -2.63 -7.00
CAZ WCA B . 6.21 -2.68 -6.86
NBI WCA B . 7.61 -3.01 -6.98
NBI WCA B . 7.61 -3.05 -6.98
CBR WCA B . 8.04 -4.26 -7.57
CBR WCA B . 7.99 -4.30 -7.59
OAF WCA B . 7.27 -5.02 -8.04
OAF WCA B . 7.18 -5.06 -8.02
CBX WCA B . 9.52 -4.60 -7.50
CBX WCA B . 9.48 -4.60 -7.67
OAK WCA B . 9.76 -5.55 -8.49
OAK WCA B . 9.73 -5.40 -8.79
CCD WCA B . 9.85 -5.11 -6.07
CCD WCA B . 9.90 -5.29 -6.35
CAA WCA B . 8.76 -4.89 -5.02
CAA WCA B . 9.81 -4.34 -5.15
CAB WCA B . 10.07 -6.61 -6.16
CAB WCA B . 9.05 -6.52 -6.09
CBD WCA B . 11.04 -4.41 -5.44
CBD WCA B . 11.33 -5.73 -6.49
OBK WCA B . 11.21 -3.16 -6.01
OBK WCA B . 11.95 -4.66 -7.10
PCG WCA B . 10.91 -1.65 -5.43
PCG WCA B . 13.54 -4.70 -7.38
OAP WCA B . 9.49 -1.23 -5.71
OAP WCA B . 14.11 -3.32 -7.10
OAI WCA B . 11.36 -1.27 -4.02
OAI WCA B . 14.17 -5.74 -6.47
OBN WCA B . 12.00 -0.92 -6.35
OBN WCA B . 13.81 -5.13 -8.94
PCF WCA B . 12.44 -1.26 -7.88
PCF WCA B . 13.13 -4.53 -10.31
OAO WCA B . 11.31 -1.63 -8.85
OAO WCA B . 11.72 -3.99 -10.15
OAH WCA B . 13.44 -2.38 -7.74
OAH WCA B . 13.07 -5.69 -11.26
O5' WCA B . 13.16 0.12 -8.41
O5' WCA B . 14.15 -3.34 -10.85
C5' WCA B . 14.37 0.52 -7.81
C5' WCA B . 15.54 -3.52 -10.74
C4' WCA B . 15.49 0.38 -8.83
C4' WCA B . 16.32 -2.22 -10.89
O4' WCA B . 15.12 0.87 -9.97
O4' WCA B . 15.72 -1.37 -11.67
C3' WCA B . 16.81 1.20 -8.35
C3' WCA B . 16.47 -1.44 -9.46
O3' WCA B . 17.99 0.45 -8.75
O3' WCA B . 17.89 -1.28 -9.17
PCE WCA B . 18.80 -0.54 -7.70
PCE WCA B . 18.48 -1.27 -7.63
OAM WCA B . 19.92 -1.21 -8.45
OAM WCA B . 19.97 -1.42 -7.74
OAN WCA B . 17.90 -1.59 -7.11
OAN WCA B . 17.87 -2.39 -6.85
OAG WCA B . 19.34 0.25 -6.52
OAG WCA B . 18.16 0.03 -6.92
C2' WCA B . 16.78 2.36 -8.97
C2' WCA B . 15.96 -0.26 -9.64
O2' WCA B . 18.15 2.87 -9.27
O2' WCA B . 16.61 0.75 -8.73
C1' WCA B . 16.04 2.07 -10.30
C1' WCA B . 16.28 -0.02 -11.13
N9 WCA B . 15.29 3.09 -10.76
N9 WCA B . 15.72 1.08 -11.63
N7 WCA B . 13.69 4.52 -10.46
N7 WCA B . 14.81 2.09 -13.32
C2 WCA B . 15.44 4.61 -14.08
C2 WCA B . 15.16 4.29 -9.98
N6 WCA B . 12.75 6.56 -12.67
N6 WCA B . 13.79 5.07 -13.22
H1 WCA B . 14.25 3.21 -9.02
H1 WCA B . 15.44 0.16 -13.43
H2 WCA B . -0.59 3.60 -1.56
H2 WCA B . -0.56 3.63 -1.66
H3 WCA B . -2.04 5.38 -1.90
H3 WCA B . -2.03 5.39 -1.93
H4 WCA B . -4.82 5.60 -1.79
H4 WCA B . -4.79 5.60 -1.75
H5 WCA B . -5.01 2.79 -2.73
H5 WCA B . -5.00 2.79 -2.72
H6 WCA B . -3.56 1.01 -2.38
H6 WCA B . -3.52 1.03 -2.44
H7 WCA B . -0.16 1.19 -1.21
H7 WCA B . -0.06 1.23 -1.44
H9 WCA B . -1.89 -0.22 -2.83
H9 WCA B . -1.94 -0.34 -2.71
H11 WCA B . 1.53 -3.71 -4.38
H11 WCA B . 1.58 -3.75 -4.34
H12 WCA B . 1.81 -3.38 -2.85
H12 WCA B . 1.93 -3.40 -2.83
H13 WCA B . 2.36 -1.16 -3.42
H13 WCA B . 2.26 -1.12 -3.48
H14 WCA B . 2.03 -1.47 -4.94
H14 WCA B . 1.99 -1.54 -4.98
H15 WCA B . 4.27 -2.33 -3.66
H15 WCA B . 4.31 -1.94 -3.69
H16 WCA B . 6.07 -3.11 -4.99
H16 WCA B . 6.15 -2.95 -4.81
H17 WCA B . 5.55 -4.27 -5.93
H17 WCA B . 5.78 -4.26 -5.61
H18 WCA B . 6.13 -1.67 -6.92
H18 WCA B . 6.13 -1.71 -6.82
H19 WCA B . 5.80 -2.94 -7.82
H19 WCA B . 5.71 -3.02 -7.62
H20 WCA B . 8.20 -2.48 -6.63
H20 WCA B . 8.22 -2.52 -6.67
H21 WCA B . 10.04 -3.81 -7.69
H21 WCA B . 9.97 -3.77 -7.76
H22 WCA B . 9.90 -5.16 -9.23
H22 WCA B . 9.96 -4.91 -9.45
H23 WCA B . 8.91 -5.49 -4.27
H23 WCA B . 9.79 -4.86 -4.33
H24 WCA B . 8.79 -3.97 -4.71
H24 WCA B . 10.60 -3.76 -5.14
H25 WCA B . 7.89 -5.07 -5.41
H25 WCA B . 9.02 -3.80 -5.22
H26 WCA B . 10.17 -6.97 -5.27
H26 WCA B . 9.26 -6.87 -5.21
H27 WCA B . 9.31 -7.02 -6.60
H27 WCA B . 8.11 -6.28 -6.12
H28 WCA B . 10.87 -6.78 -6.67
H28 WCA B . 9.24 -7.20 -6.76
H29 WCA B . 10.88 -4.31 -4.48
H29 WCA B . 11.73 -5.90 -5.63
H30 WCA B . 11.84 -4.95 -5.57
H30 WCA B . 11.40 -6.51 -7.05
H33 WCA B . 14.55 -0.05 -7.04
H33 WCA B . 15.83 -4.14 -11.44
H34 WCA B . 14.29 1.44 -7.53
H34 WCA B . 15.74 -3.91 -9.88
H35 WCA B . 15.70 -0.56 -8.93
H35 WCA B . 17.21 -2.41 -11.25
H36 WCA B . 16.80 1.34 -7.39
H36 WCA B . 16.02 -1.92 -8.75
H39 WCA B . 16.29 3.01 -8.44
H39 WCA B . 14.99 -0.28 -9.48
H40 WCA B . 18.30 3.59 -8.82
H40 WCA B . 16.03 1.10 -8.22
H41 WCA B . 16.69 1.81 -10.98
H41 WCA B . 17.24 0.00 -11.25
H42 WCA B . 15.88 4.58 -14.90
H42 WCA B . 15.27 4.75 -9.18
H43 WCA B . 12.57 7.03 -13.36
H43 WCA B . 14.07 5.04 -14.03
H44 WCA B . 12.33 6.70 -11.93
H44 WCA B . 13.14 5.60 -13.01
C1 DHB C . -0.38 -6.15 0.52
C2 DHB C . -0.98 -5.14 -0.19
C3 DHB C . -1.05 -3.88 0.35
O3 DHB C . -1.66 -2.86 -0.38
C4 DHB C . -0.53 -3.63 1.62
O4 DHB C . -0.64 -2.34 2.17
C5 DHB C . 0.07 -4.65 2.34
C6 DHB C . 0.14 -5.93 1.78
C DHB C . -0.32 -7.53 -0.10
O1 DHB C . -0.08 -8.52 0.64
O2 DHB C . -0.52 -7.63 -1.34
H2 DHB C . -1.33 -5.31 -1.04
HO3 DHB C . -2.13 -2.38 0.15
HO4 DHB C . -0.62 -1.76 1.55
H5 DHB C . 0.41 -4.50 3.18
H6 DHB C . 0.55 -6.62 2.26
#